data_3TTR
#
_entry.id   3TTR
#
_cell.length_a   62.671
_cell.length_b   50.421
_cell.length_c   65.887
_cell.angle_alpha   90.00
_cell.angle_beta   107.33
_cell.angle_gamma   90.00
#
_symmetry.space_group_name_H-M   'P 1 21 1'
#
loop_
_entity.id
_entity.type
_entity.pdbx_description
1 polymer Lactotransferrin
2 branched 2-acetamido-2-deoxy-beta-D-glucopyranose-(1-4)-2-acetamido-2-deoxy-beta-D-glucopyranose
3 non-polymer 2-acetamido-2-deoxy-beta-D-glucopyranose
4 non-polymer 'SULFATE ION'
5 non-polymer 'ZINC ION'
6 non-polymer 'FE (III) ION'
7 non-polymer 'CARBONATE ION'
8 non-polymer 2-(diethylamino)-N-(2,6-dimethylphenyl)ethanamide
9 water water
#
_entity_poly.entity_id   1
_entity_poly.type   'polypeptide(L)'
_entity_poly.pdbx_seq_one_letter_code
;YTRVVWCAVGPEEQKKCQQWSQQSGQNVTCATASTTDDCIVLVLKGEADALNLDGGYIYTAGKCGLVPVLAENRKSSKHS
SLDCVLRPTEGYLAVAVVKKANEGLTWNSLKDKKSCHTAVDRTAGWNIPMGLIVNQTGSCAFDEFFSQSCAPGADPKSRL
CALCAGDDQGLDKCVPNSKEKYYGYTGAFRCLAEDVGDVAFVKNDTVWENTNGESTADWAKNLKREDFRLLCLDGTRKPV
TEAQSCHLAVAPNHAVVSRSDRAAHVEQVLLHQQALFGKNGKNCPDKFCLFKSETKNLLFNDNTECLAKLGGRPTYEEYL
GTEYVTAIANLKKCSTSPLLEACAF
;
_entity_poly.pdbx_strand_id   A
#
# COMPACT_ATOMS: atom_id res chain seq x y z
N TYR A 1 -24.72 18.52 -5.98
CA TYR A 1 -23.66 17.78 -6.69
C TYR A 1 -22.89 17.33 -5.45
N THR A 2 -22.14 18.21 -4.82
CA THR A 2 -20.92 17.85 -4.15
C THR A 2 -21.02 17.04 -2.83
N ARG A 3 -21.52 15.82 -2.96
CA ARG A 3 -21.34 14.76 -2.00
C ARG A 3 -20.51 13.68 -2.66
N VAL A 4 -19.45 13.27 -2.00
CA VAL A 4 -18.60 12.22 -2.52
C VAL A 4 -18.78 11.03 -1.60
N VAL A 5 -18.95 9.85 -2.18
CA VAL A 5 -19.09 8.66 -1.38
C VAL A 5 -17.76 7.92 -1.45
N TRP A 6 -17.02 7.91 -0.35
CA TRP A 6 -15.80 7.15 -0.18
C TRP A 6 -16.04 5.64 -0.05
N CYS A 7 -15.16 4.81 -0.57
CA CYS A 7 -15.34 3.39 -0.37
C CYS A 7 -14.29 2.92 0.62
N ALA A 8 -14.75 2.44 1.77
CA ALA A 8 -13.86 1.95 2.79
C ALA A 8 -13.69 0.44 2.66
N VAL A 9 -12.48 -0.04 2.93
CA VAL A 9 -12.18 -1.45 2.85
C VAL A 9 -12.02 -2.05 4.24
N GLY A 10 -13.02 -2.81 4.68
CA GLY A 10 -12.98 -3.42 5.99
C GLY A 10 -13.65 -2.58 7.07
N PRO A 11 -13.97 -3.18 8.23
CA PRO A 11 -14.61 -2.50 9.35
C PRO A 11 -13.80 -1.34 9.97
N GLU A 12 -12.48 -1.44 9.95
CA GLU A 12 -11.65 -0.39 10.52
C GLU A 12 -11.64 0.87 9.68
N GLU A 13 -11.55 0.72 8.37
CA GLU A 13 -11.56 1.89 7.52
C GLU A 13 -12.97 2.46 7.58
N GLN A 14 -13.95 1.59 7.78
CA GLN A 14 -15.34 2.02 7.89
C GLN A 14 -15.50 2.93 9.08
N LYS A 15 -14.97 2.51 10.22
CA LYS A 15 -15.09 3.33 11.42
C LYS A 15 -14.47 4.69 11.18
N LYS A 16 -13.26 4.71 10.62
CA LYS A 16 -12.60 5.97 10.35
C LYS A 16 -13.34 6.84 9.35
N CYS A 17 -13.94 6.22 8.34
CA CYS A 17 -14.67 6.96 7.34
C CYS A 17 -15.92 7.60 7.95
N GLN A 18 -16.58 6.85 8.83
CA GLN A 18 -17.77 7.36 9.50
C GLN A 18 -17.45 8.61 10.31
N GLN A 19 -16.23 8.67 10.86
CA GLN A 19 -15.79 9.82 11.61
C GLN A 19 -15.62 11.01 10.66
N TRP A 20 -14.95 10.75 9.54
CA TRP A 20 -14.71 11.78 8.51
C TRP A 20 -16.06 12.32 8.05
N SER A 21 -16.98 11.40 7.79
CA SER A 21 -18.32 11.74 7.33
C SER A 21 -19.01 12.71 8.28
N GLN A 22 -19.05 12.35 9.56
CA GLN A 22 -19.67 13.17 10.57
C GLN A 22 -19.04 14.56 10.69
N GLN A 23 -17.71 14.62 10.63
CA GLN A 23 -16.98 15.89 10.71
C GLN A 23 -17.12 16.74 9.46
N SER A 24 -17.51 16.12 8.35
CA SER A 24 -17.62 16.83 7.09
C SER A 24 -18.99 17.43 6.80
N GLY A 25 -19.94 17.29 7.72
CA GLY A 25 -21.26 17.83 7.46
C GLY A 25 -21.91 16.94 6.41
N GLN A 26 -21.47 15.69 6.43
CA GLN A 26 -21.94 14.67 5.49
C GLN A 26 -21.65 15.07 4.08
N ASN A 27 -20.51 15.72 3.87
CA ASN A 27 -20.04 16.04 2.53
C ASN A 27 -19.42 14.82 1.88
N VAL A 28 -18.84 14.00 2.71
CA VAL A 28 -18.35 12.73 2.32
C VAL A 28 -19.22 11.79 3.07
N THR A 29 -19.72 10.76 2.44
CA THR A 29 -20.41 9.69 3.13
C THR A 29 -19.66 8.39 2.80
N CYS A 30 -20.03 7.28 3.43
CA CYS A 30 -19.29 6.04 3.23
C CYS A 30 -20.02 4.81 2.74
N ALA A 31 -19.28 4.03 1.96
CA ALA A 31 -19.74 2.76 1.43
C ALA A 31 -18.63 1.83 1.90
N THR A 32 -18.96 0.59 2.20
CA THR A 32 -17.96 -0.35 2.69
C THR A 32 -17.96 -1.64 1.89
N ALA A 33 -16.80 -2.28 1.80
CA ALA A 33 -16.65 -3.53 1.08
C ALA A 33 -15.55 -4.34 1.78
N SER A 34 -15.52 -5.65 1.55
CA SER A 34 -14.54 -6.52 2.17
C SER A 34 -13.16 -6.49 1.53
N THR A 35 -13.11 -6.10 0.25
CA THR A 35 -11.82 -6.04 -0.43
C THR A 35 -11.72 -4.85 -1.34
N THR A 36 -10.50 -4.56 -1.77
CA THR A 36 -10.24 -3.44 -2.65
C THR A 36 -10.92 -3.67 -3.98
N ASP A 37 -10.87 -4.91 -4.49
CA ASP A 37 -11.50 -5.21 -5.77
C ASP A 37 -12.99 -4.94 -5.69
N ASP A 38 -13.61 -5.27 -4.57
CA ASP A 38 -15.03 -5.04 -4.39
C ASP A 38 -15.33 -3.56 -4.42
N CYS A 39 -14.46 -2.77 -3.80
CA CYS A 39 -14.64 -1.33 -3.79
C CYS A 39 -14.55 -0.77 -5.20
N ILE A 40 -13.65 -1.31 -5.99
CA ILE A 40 -13.49 -0.89 -7.39
C ILE A 40 -14.77 -1.18 -8.14
N VAL A 41 -15.37 -2.33 -7.85
CA VAL A 41 -16.62 -2.69 -8.49
C VAL A 41 -17.73 -1.74 -8.05
N LEU A 42 -17.72 -1.32 -6.79
CA LEU A 42 -18.74 -0.40 -6.32
C LEU A 42 -18.62 0.93 -7.05
N VAL A 43 -17.39 1.33 -7.35
CA VAL A 43 -17.15 2.57 -8.06
C VAL A 43 -17.58 2.47 -9.53
N LEU A 44 -17.33 1.31 -10.14
CA LEU A 44 -17.73 1.09 -11.52
C LEU A 44 -19.25 1.14 -11.66
N LYS A 45 -19.94 0.63 -10.65
CA LYS A 45 -21.40 0.63 -10.67
C LYS A 45 -21.98 2.00 -10.37
N GLY A 46 -21.16 2.87 -9.80
CA GLY A 46 -21.61 4.22 -9.48
C GLY A 46 -22.21 4.34 -8.11
N GLU A 47 -21.94 3.35 -7.25
CA GLU A 47 -22.47 3.36 -5.89
C GLU A 47 -21.50 4.00 -4.89
N ALA A 48 -20.26 4.16 -5.31
CA ALA A 48 -19.23 4.82 -4.52
C ALA A 48 -18.52 5.72 -5.55
N ASP A 49 -17.82 6.75 -5.10
CA ASP A 49 -17.13 7.65 -6.03
C ASP A 49 -15.62 7.49 -6.08
N ALA A 50 -14.99 7.25 -4.94
CA ALA A 50 -13.55 7.14 -4.92
C ALA A 50 -12.96 6.36 -3.74
N LEU A 51 -11.65 6.19 -3.81
CA LEU A 51 -10.84 5.53 -2.79
C LEU A 51 -9.40 5.65 -3.23
N ASN A 52 -8.51 5.61 -2.24
CA ASN A 52 -7.06 5.70 -2.41
C ASN A 52 -6.53 4.28 -2.64
N LEU A 53 -5.77 4.10 -3.72
CA LEU A 53 -5.23 2.79 -4.11
C LEU A 53 -3.72 2.68 -4.30
N ASP A 54 -3.20 1.51 -3.99
CA ASP A 54 -1.78 1.20 -4.19
C ASP A 54 -1.67 1.11 -5.72
N GLY A 55 -0.46 1.24 -6.24
CA GLY A 55 -0.27 1.19 -7.69
C GLY A 55 -0.70 -0.09 -8.36
N GLY A 56 -0.57 -1.21 -7.72
CA GLY A 56 -1.02 -2.46 -8.29
C GLY A 56 -2.51 -2.49 -8.55
N TYR A 57 -3.27 -1.90 -7.65
CA TYR A 57 -4.71 -1.86 -7.83
C TYR A 57 -5.10 -0.81 -8.87
N ILE A 58 -4.30 0.24 -8.96
CA ILE A 58 -4.55 1.31 -9.93
C ILE A 58 -4.51 0.69 -11.32
N TYR A 59 -3.70 -0.35 -11.45
CA TYR A 59 -3.58 -1.05 -12.72
C TYR A 59 -4.90 -1.77 -13.02
N THR A 60 -5.47 -2.40 -11.99
CA THR A 60 -6.74 -3.12 -12.14
C THR A 60 -7.85 -2.12 -12.46
N ALA A 61 -7.89 -1.03 -11.69
CA ALA A 61 -8.90 0.00 -11.86
C ALA A 61 -8.79 0.71 -13.21
N GLY A 62 -7.56 0.96 -13.66
CA GLY A 62 -7.35 1.64 -14.92
C GLY A 62 -7.87 0.88 -16.12
N LYS A 63 -7.71 -0.44 -16.09
CA LYS A 63 -8.17 -1.26 -17.20
C LYS A 63 -9.69 -1.22 -17.30
N CYS A 64 -10.33 -0.90 -16.19
CA CYS A 64 -11.78 -0.82 -16.14
C CYS A 64 -12.29 0.60 -16.35
N GLY A 65 -11.40 1.50 -16.77
CA GLY A 65 -11.81 2.87 -17.03
C GLY A 65 -11.74 3.88 -15.90
N LEU A 66 -11.23 3.54 -14.75
CA LEU A 66 -11.08 4.47 -13.64
C LEU A 66 -9.81 5.27 -13.77
N VAL A 67 -9.81 6.49 -13.31
CA VAL A 67 -8.62 7.32 -13.48
C VAL A 67 -8.00 7.94 -12.22
N PRO A 68 -6.68 8.17 -12.24
CA PRO A 68 -6.01 8.78 -11.09
C PRO A 68 -6.45 10.24 -11.04
N VAL A 69 -6.72 10.73 -9.83
CA VAL A 69 -7.21 12.08 -9.61
C VAL A 69 -6.26 12.96 -8.82
N LEU A 70 -5.75 12.42 -7.72
CA LEU A 70 -4.82 13.11 -6.83
C LEU A 70 -3.93 12.03 -6.25
N ALA A 71 -2.66 12.37 -5.99
CA ALA A 71 -1.73 11.40 -5.43
C ALA A 71 -1.20 11.76 -4.05
N GLU A 72 -0.86 10.75 -3.25
CA GLU A 72 -0.31 10.97 -1.92
C GLU A 72 1.10 11.54 -2.11
N ASN A 73 1.47 12.48 -1.28
CA ASN A 73 2.80 13.04 -1.30
C ASN A 73 3.29 13.08 0.11
N ARG A 74 4.45 12.52 0.38
CA ARG A 74 5.07 12.58 1.71
C ARG A 74 6.14 13.66 1.81
N LYS A 75 6.84 13.71 2.94
CA LYS A 75 7.93 14.68 3.11
C LYS A 75 9.16 14.50 2.17
N SER A 76 9.78 15.61 1.78
CA SER A 76 10.94 15.64 0.89
C SER A 76 11.81 16.84 1.24
N SER A 77 13.08 16.83 0.85
CA SER A 77 13.93 17.96 1.21
C SER A 77 14.40 18.70 -0.04
N LYS A 78 13.54 18.63 -1.03
CA LYS A 78 13.69 19.31 -2.30
C LYS A 78 12.28 19.71 -2.79
N HIS A 79 12.20 20.75 -3.60
CA HIS A 79 10.97 21.19 -4.26
C HIS A 79 10.10 21.98 -3.37
N SER A 80 10.62 22.22 -2.17
CA SER A 80 9.96 22.77 -0.97
C SER A 80 9.37 24.16 -1.08
N SER A 81 9.99 24.96 -1.90
CA SER A 81 9.49 26.31 -2.07
C SER A 81 8.10 26.13 -2.67
N LEU A 82 7.97 25.14 -3.54
CA LEU A 82 6.67 24.83 -4.11
C LEU A 82 5.81 24.16 -3.03
N ASP A 83 4.53 24.54 -3.00
CA ASP A 83 3.59 24.01 -2.01
C ASP A 83 3.30 22.53 -2.26
N CYS A 84 3.00 21.80 -1.19
CA CYS A 84 2.73 20.36 -1.27
C CYS A 84 1.77 19.92 -2.37
N VAL A 85 0.64 20.61 -2.49
CA VAL A 85 -0.36 20.26 -3.49
C VAL A 85 0.14 20.39 -4.94
N LEU A 86 1.14 21.23 -5.15
CA LEU A 86 1.69 21.44 -6.50
C LEU A 86 2.95 20.64 -6.81
N ARG A 87 3.58 20.12 -5.78
CA ARG A 87 4.82 19.36 -5.90
C ARG A 87 4.71 17.98 -6.54
N PRO A 88 5.67 17.65 -7.43
CA PRO A 88 5.64 16.33 -8.09
C PRO A 88 5.82 15.22 -7.04
N THR A 89 5.37 14.01 -7.36
CA THR A 89 5.49 12.90 -6.42
C THR A 89 6.80 12.15 -6.65
N GLU A 90 7.54 11.89 -5.57
CA GLU A 90 8.83 11.21 -5.62
C GLU A 90 8.77 9.69 -5.78
N GLY A 91 7.65 9.09 -5.37
CA GLY A 91 7.51 7.66 -5.44
C GLY A 91 8.10 7.12 -4.14
N TYR A 92 8.00 5.82 -3.90
CA TYR A 92 8.58 5.30 -2.69
C TYR A 92 9.45 4.10 -3.01
N LEU A 93 10.29 3.71 -2.06
CA LEU A 93 11.21 2.60 -2.27
C LEU A 93 10.75 1.24 -1.77
N ALA A 94 10.56 0.31 -2.70
CA ALA A 94 10.17 -1.04 -2.33
C ALA A 94 11.44 -1.74 -1.86
N VAL A 95 11.38 -2.43 -0.73
CA VAL A 95 12.57 -3.11 -0.20
C VAL A 95 12.25 -4.47 0.37
N ALA A 96 13.29 -5.26 0.54
CA ALA A 96 13.18 -6.60 1.11
C ALA A 96 13.92 -6.46 2.44
N VAL A 97 13.23 -6.79 3.53
CA VAL A 97 13.80 -6.66 4.87
C VAL A 97 13.96 -7.99 5.61
N VAL A 98 15.09 -8.16 6.28
CA VAL A 98 15.35 -9.36 7.08
C VAL A 98 15.90 -8.95 8.44
N LYS A 99 15.95 -9.90 9.35
CA LYS A 99 16.50 -9.66 10.69
C LYS A 99 17.99 -9.79 10.52
N LYS A 100 18.74 -8.95 11.23
CA LYS A 100 20.19 -9.03 11.17
C LYS A 100 20.64 -10.38 11.75
N ALA A 101 20.01 -10.78 12.85
CA ALA A 101 20.32 -12.04 13.52
C ALA A 101 20.22 -13.22 12.57
N ASN A 102 19.44 -13.06 11.50
CA ASN A 102 19.27 -14.12 10.50
C ASN A 102 20.43 -13.98 9.52
N GLU A 103 21.64 -14.18 10.02
CA GLU A 103 22.85 -14.12 9.21
C GLU A 103 22.85 -15.04 8.00
N GLY A 104 23.54 -14.61 6.95
CA GLY A 104 23.65 -15.42 5.75
C GLY A 104 22.43 -15.53 4.85
N LEU A 105 21.37 -14.79 5.14
CA LEU A 105 20.20 -14.83 4.28
C LEU A 105 20.35 -13.66 3.32
N THR A 106 20.36 -13.95 2.02
CA THR A 106 20.50 -12.90 1.02
C THR A 106 19.44 -13.08 -0.05
N TRP A 107 19.48 -12.22 -1.06
CA TRP A 107 18.52 -12.34 -2.15
C TRP A 107 18.75 -13.66 -2.86
N ASN A 108 19.98 -14.15 -2.81
CA ASN A 108 20.32 -15.40 -3.47
C ASN A 108 19.96 -16.67 -2.70
N SER A 109 19.45 -16.53 -1.49
CA SER A 109 19.07 -17.71 -0.71
C SER A 109 17.67 -17.62 -0.14
N LEU A 110 16.78 -16.94 -0.84
CA LEU A 110 15.40 -16.79 -0.39
C LEU A 110 14.53 -18.01 -0.67
N LYS A 111 14.99 -18.88 -1.56
CA LYS A 111 14.23 -20.08 -1.91
C LYS A 111 13.98 -20.92 -0.66
N ASP A 112 12.72 -21.32 -0.43
CA ASP A 112 12.36 -22.15 0.71
C ASP A 112 12.29 -21.41 2.04
N LYS A 113 12.34 -20.09 2.02
CA LYS A 113 12.24 -19.34 3.25
C LYS A 113 10.78 -18.98 3.47
N LYS A 114 10.51 -18.23 4.53
CA LYS A 114 9.16 -17.82 4.85
C LYS A 114 9.03 -16.34 4.53
N SER A 115 7.98 -15.98 3.79
CA SER A 115 7.79 -14.59 3.39
C SER A 115 6.54 -13.91 3.90
N CYS A 116 6.63 -12.58 3.98
CA CYS A 116 5.55 -11.74 4.44
C CYS A 116 5.29 -10.69 3.37
N HIS A 117 4.06 -10.69 2.82
CA HIS A 117 3.67 -9.76 1.76
C HIS A 117 2.54 -8.88 2.26
N THR A 118 2.47 -7.66 1.74
CA THR A 118 1.42 -6.73 2.13
C THR A 118 0.06 -7.30 1.72
N ALA A 119 -0.01 -7.79 0.48
CA ALA A 119 -1.23 -8.38 -0.07
C ALA A 119 -0.89 -8.87 -1.45
N VAL A 120 -1.77 -9.66 -2.05
CA VAL A 120 -1.59 -10.04 -3.44
C VAL A 120 -1.96 -8.80 -4.29
N ASP A 121 -1.30 -8.65 -5.44
CA ASP A 121 -1.55 -7.53 -6.36
C ASP A 121 -1.03 -6.14 -5.96
N ARG A 122 -0.41 -6.02 -4.80
CA ARG A 122 0.12 -4.73 -4.40
C ARG A 122 1.56 -4.53 -4.89
N THR A 123 1.97 -3.30 -5.10
CA THR A 123 3.30 -3.01 -5.64
C THR A 123 4.53 -3.53 -4.89
N ALA A 124 4.77 -2.98 -3.70
CA ALA A 124 5.93 -3.39 -2.92
C ALA A 124 5.83 -4.80 -2.33
N GLY A 125 4.64 -5.19 -1.91
CA GLY A 125 4.48 -6.50 -1.32
C GLY A 125 4.27 -7.67 -2.25
N TRP A 126 4.03 -7.42 -3.53
CA TRP A 126 3.81 -8.53 -4.45
C TRP A 126 4.35 -8.36 -5.87
N ASN A 127 3.78 -7.42 -6.63
CA ASN A 127 4.21 -7.20 -8.00
C ASN A 127 5.71 -7.07 -8.23
N ILE A 128 6.40 -6.25 -7.44
CA ILE A 128 7.83 -6.08 -7.64
C ILE A 128 8.67 -7.31 -7.30
N PRO A 129 8.57 -7.82 -6.07
CA PRO A 129 9.38 -9.00 -5.74
C PRO A 129 9.05 -10.29 -6.49
N MET A 130 7.75 -10.62 -6.64
CA MET A 130 7.39 -11.84 -7.35
C MET A 130 7.69 -11.71 -8.84
N GLY A 131 7.62 -10.49 -9.36
CA GLY A 131 7.93 -10.26 -10.75
C GLY A 131 9.41 -10.53 -10.93
N LEU A 132 10.21 -10.02 -10.00
CA LEU A 132 11.66 -10.22 -10.04
C LEU A 132 12.00 -11.68 -9.86
N ILE A 133 11.28 -12.38 -9.00
CA ILE A 133 11.54 -13.79 -8.75
C ILE A 133 11.14 -14.68 -9.92
N VAL A 134 10.05 -14.36 -10.60
CA VAL A 134 9.62 -15.19 -11.73
C VAL A 134 10.63 -15.09 -12.85
N ASN A 135 10.83 -13.80 -12.98
CA ASN A 135 11.82 -13.60 -14.03
C ASN A 135 13.11 -14.37 -13.78
N GLN A 136 13.92 -14.25 -12.65
CA GLN A 136 15.17 -14.88 -12.30
C GLN A 136 15.15 -16.40 -12.26
N THR A 137 13.97 -16.99 -12.10
CA THR A 137 13.92 -18.46 -12.07
C THR A 137 13.30 -19.02 -13.35
N GLY A 138 12.95 -18.14 -14.29
CA GLY A 138 12.35 -18.58 -15.53
C GLY A 138 11.23 -19.58 -15.28
N SER A 139 10.36 -19.23 -14.35
CA SER A 139 9.23 -20.10 -14.00
C SER A 139 8.10 -19.32 -13.34
N CYS A 140 6.87 -19.72 -13.66
CA CYS A 140 5.66 -19.09 -13.14
C CYS A 140 5.15 -19.67 -11.83
N ALA A 141 5.80 -20.70 -11.32
CA ALA A 141 5.38 -21.33 -10.08
C ALA A 141 5.81 -20.53 -8.86
N PHE A 142 5.49 -19.24 -8.86
CA PHE A 142 5.86 -18.37 -7.76
C PHE A 142 5.22 -18.79 -6.44
N ASP A 143 4.24 -19.68 -6.52
CA ASP A 143 3.55 -20.16 -5.32
C ASP A 143 4.29 -21.33 -4.69
N GLU A 144 5.41 -21.71 -5.29
CA GLU A 144 6.22 -22.79 -4.77
C GLU A 144 7.63 -22.34 -4.47
N PHE A 145 7.90 -21.05 -4.66
CA PHE A 145 9.22 -20.52 -4.40
C PHE A 145 9.51 -20.48 -2.91
N PHE A 146 8.57 -19.91 -2.15
CA PHE A 146 8.71 -19.82 -0.70
C PHE A 146 8.04 -21.05 -0.07
N SER A 147 8.51 -21.48 1.10
CA SER A 147 7.90 -22.66 1.72
C SER A 147 6.55 -22.31 2.33
N GLN A 148 6.46 -21.12 2.93
CA GLN A 148 5.23 -20.65 3.54
C GLN A 148 5.23 -19.13 3.50
N SER A 149 4.06 -18.52 3.40
CA SER A 149 3.97 -17.07 3.36
C SER A 149 2.65 -16.60 3.95
N CYS A 150 2.52 -15.28 4.00
CA CYS A 150 1.29 -14.66 4.39
C CYS A 150 1.18 -13.63 3.29
N ALA A 151 0.32 -13.92 2.34
CA ALA A 151 0.08 -13.07 1.20
C ALA A 151 -1.43 -12.86 1.13
N PRO A 152 -1.96 -11.93 1.94
CA PRO A 152 -3.40 -11.63 1.98
C PRO A 152 -4.01 -11.64 0.59
N GLY A 153 -5.10 -12.39 0.43
CA GLY A 153 -5.76 -12.44 -0.86
C GLY A 153 -5.52 -13.68 -1.69
N ALA A 154 -4.64 -14.57 -1.23
CA ALA A 154 -4.38 -15.82 -1.94
C ALA A 154 -5.33 -16.85 -1.34
N ASP A 155 -5.36 -18.07 -1.87
CA ASP A 155 -6.27 -19.08 -1.34
C ASP A 155 -5.97 -19.36 0.12
N PRO A 156 -6.92 -19.11 1.02
CA PRO A 156 -6.63 -19.38 2.43
C PRO A 156 -6.11 -20.78 2.79
N LYS A 157 -6.33 -21.77 1.94
CA LYS A 157 -5.79 -23.10 2.28
C LYS A 157 -4.52 -23.44 1.49
N SER A 158 -3.92 -22.43 0.87
CA SER A 158 -2.69 -22.59 0.11
C SER A 158 -1.54 -22.20 1.06
N ARG A 159 -0.32 -22.56 0.69
CA ARG A 159 0.84 -22.22 1.46
C ARG A 159 1.10 -20.71 1.51
N LEU A 160 0.52 -19.98 0.59
CA LEU A 160 0.72 -18.54 0.52
C LEU A 160 -0.07 -17.82 1.62
N CYS A 161 -0.91 -18.58 2.33
CA CYS A 161 -1.72 -18.03 3.42
C CYS A 161 -1.38 -18.66 4.77
N ALA A 162 -0.55 -19.71 4.73
CA ALA A 162 -0.16 -20.45 5.94
C ALA A 162 0.24 -19.63 7.15
N LEU A 163 0.97 -18.53 6.92
CA LEU A 163 1.45 -17.72 8.03
C LEU A 163 0.52 -16.60 8.48
N CYS A 164 -0.55 -16.37 7.74
CA CYS A 164 -1.47 -15.32 8.13
C CYS A 164 -2.24 -15.78 9.37
N ALA A 165 -2.67 -14.84 10.23
CA ALA A 165 -3.35 -15.20 11.46
C ALA A 165 -4.81 -14.80 11.61
N GLY A 166 -5.34 -13.99 10.70
CA GLY A 166 -6.74 -13.59 10.84
C GLY A 166 -6.89 -12.51 11.89
N ASP A 167 -8.11 -12.32 12.39
CA ASP A 167 -8.36 -11.29 13.41
C ASP A 167 -8.22 -11.82 14.84
N ASP A 168 -8.81 -11.06 15.77
CA ASP A 168 -8.84 -11.36 17.20
C ASP A 168 -9.16 -12.80 17.52
N GLN A 169 -10.14 -13.33 16.79
CA GLN A 169 -10.64 -14.67 16.99
C GLN A 169 -10.16 -15.73 16.01
N GLY A 170 -9.17 -15.41 15.19
CA GLY A 170 -8.71 -16.40 14.24
C GLY A 170 -9.62 -16.46 13.02
N LEU A 171 -10.60 -15.55 12.95
CA LEU A 171 -11.51 -15.51 11.80
C LEU A 171 -10.91 -14.60 10.73
N ASP A 172 -11.35 -14.79 9.50
CA ASP A 172 -10.88 -13.98 8.38
C ASP A 172 -9.41 -14.14 8.01
N LYS A 173 -8.87 -15.33 8.24
CA LYS A 173 -7.48 -15.61 7.92
C LYS A 173 -7.22 -15.30 6.45
N CYS A 174 -6.21 -14.48 6.20
CA CYS A 174 -5.79 -14.12 4.84
C CYS A 174 -6.66 -13.16 4.05
N VAL A 175 -7.65 -12.52 4.66
CA VAL A 175 -8.46 -11.59 3.89
C VAL A 175 -7.62 -10.36 3.63
N PRO A 176 -7.79 -9.74 2.45
CA PRO A 176 -7.00 -8.55 2.14
C PRO A 176 -7.59 -7.22 2.63
N ASN A 177 -7.70 -7.10 3.95
CA ASN A 177 -8.16 -5.89 4.62
C ASN A 177 -7.53 -5.93 6.01
N SER A 178 -7.59 -4.80 6.73
CA SER A 178 -6.95 -4.70 8.04
C SER A 178 -7.42 -5.66 9.14
N LYS A 179 -8.46 -6.42 8.92
CA LYS A 179 -8.87 -7.38 9.88
C LYS A 179 -7.80 -8.44 10.06
N GLU A 180 -7.12 -8.78 8.97
CA GLU A 180 -6.02 -9.74 8.97
C GLU A 180 -4.85 -9.06 9.67
N LYS A 181 -4.34 -9.72 10.69
CA LYS A 181 -3.24 -9.22 11.49
C LYS A 181 -1.98 -8.82 10.70
N TYR A 182 -1.64 -9.59 9.68
CA TYR A 182 -0.43 -9.31 8.89
C TYR A 182 -0.68 -8.69 7.50
N TYR A 183 -1.71 -7.87 7.40
CA TYR A 183 -2.07 -7.21 6.14
C TYR A 183 -1.39 -5.84 5.99
N GLY A 184 -1.10 -5.47 4.74
CA GLY A 184 -0.50 -4.19 4.47
C GLY A 184 0.93 -4.00 4.91
N TYR A 185 1.44 -2.79 4.69
CA TYR A 185 2.80 -2.45 5.08
C TYR A 185 3.11 -2.82 6.53
N THR A 186 2.29 -2.31 7.45
CA THR A 186 2.47 -2.56 8.87
C THR A 186 2.32 -4.02 9.26
N GLY A 187 1.32 -4.71 8.69
CA GLY A 187 1.11 -6.11 9.01
C GLY A 187 2.24 -7.02 8.55
N ALA A 188 2.71 -6.81 7.34
CA ALA A 188 3.80 -7.61 6.79
C ALA A 188 5.08 -7.38 7.59
N PHE A 189 5.30 -6.15 8.03
CA PHE A 189 6.51 -5.87 8.80
C PHE A 189 6.37 -6.55 10.17
N ARG A 190 5.15 -6.59 10.70
CA ARG A 190 4.89 -7.21 12.00
C ARG A 190 5.19 -8.71 11.92
N CYS A 191 4.87 -9.26 10.76
CA CYS A 191 5.07 -10.68 10.44
C CYS A 191 6.57 -11.01 10.53
N LEU A 192 7.40 -10.06 10.12
CA LEU A 192 8.85 -10.26 10.18
C LEU A 192 9.34 -10.04 11.62
N ALA A 193 8.87 -8.95 12.24
CA ALA A 193 9.26 -8.60 13.60
C ALA A 193 8.94 -9.70 14.61
N GLU A 194 7.86 -10.44 14.39
CA GLU A 194 7.50 -11.51 15.32
C GLU A 194 8.11 -12.85 14.93
N ASP A 195 9.00 -12.81 13.94
CA ASP A 195 9.69 -14.00 13.45
C ASP A 195 8.80 -15.08 12.90
N VAL A 196 7.69 -14.68 12.29
CA VAL A 196 6.78 -15.62 11.68
C VAL A 196 7.33 -15.86 10.26
N GLY A 197 7.91 -14.81 9.68
CA GLY A 197 8.50 -14.89 8.36
C GLY A 197 9.99 -14.57 8.37
N ASP A 198 10.68 -14.91 7.30
CA ASP A 198 12.11 -14.64 7.20
C ASP A 198 12.39 -13.29 6.53
N VAL A 199 11.49 -12.89 5.63
CA VAL A 199 11.62 -11.62 4.93
C VAL A 199 10.28 -10.94 4.71
N ALA A 200 10.29 -9.61 4.78
CA ALA A 200 9.08 -8.83 4.57
C ALA A 200 9.29 -7.97 3.33
N PHE A 201 8.27 -7.90 2.48
CA PHE A 201 8.35 -7.08 1.28
C PHE A 201 7.46 -5.87 1.53
N VAL A 202 8.09 -4.77 1.93
CA VAL A 202 7.40 -3.54 2.26
C VAL A 202 8.12 -2.35 1.61
N LYS A 203 7.94 -1.16 2.17
CA LYS A 203 8.63 -0.02 1.60
C LYS A 203 9.60 0.50 2.63
N ASN A 204 10.48 1.40 2.24
CA ASN A 204 11.49 1.99 3.12
C ASN A 204 10.87 2.63 4.31
N ASP A 205 9.82 3.34 4.08
CA ASP A 205 9.23 4.17 5.14
C ASP A 205 8.67 3.29 6.29
N THR A 206 8.15 2.12 5.95
CA THR A 206 7.59 1.19 6.95
C THR A 206 8.58 0.80 8.07
N VAL A 207 9.81 0.52 7.69
CA VAL A 207 10.86 0.13 8.63
C VAL A 207 11.13 1.25 9.64
N TRP A 208 11.27 2.47 9.14
CA TRP A 208 11.54 3.61 10.01
C TRP A 208 10.39 4.01 10.92
N GLU A 209 9.17 3.83 10.44
CA GLU A 209 7.99 4.18 11.19
C GLU A 209 7.62 3.23 12.31
N ASN A 210 8.23 2.03 12.32
CA ASN A 210 7.90 1.04 13.35
C ASN A 210 9.04 0.55 14.22
N THR A 211 10.11 1.35 14.30
CA THR A 211 11.27 1.02 15.10
C THR A 211 11.77 2.24 15.88
N ASN A 212 12.57 2.00 16.92
CA ASN A 212 13.13 3.08 17.73
C ASN A 212 12.14 4.00 18.43
N GLY A 213 11.05 3.45 18.94
CA GLY A 213 10.07 4.27 19.64
C GLY A 213 9.10 5.05 18.78
N GLU A 214 9.24 4.97 17.47
CA GLU A 214 8.31 5.64 16.56
C GLU A 214 6.91 5.05 16.59
N SER A 215 6.76 3.80 16.99
CA SER A 215 5.43 3.25 17.08
C SER A 215 4.72 3.26 18.44
N THR A 216 5.15 2.41 19.36
CA THR A 216 4.50 2.32 20.66
C THR A 216 3.47 1.19 20.71
N ALA A 217 3.09 0.64 19.55
CA ALA A 217 2.25 -0.55 19.54
C ALA A 217 3.12 -1.52 20.32
N ASP A 218 2.54 -2.44 21.07
CA ASP A 218 3.39 -3.33 21.85
C ASP A 218 4.35 -4.26 21.10
N TRP A 219 4.07 -4.58 19.84
CA TRP A 219 4.99 -5.46 19.09
C TRP A 219 6.19 -4.71 18.53
N ALA A 220 6.00 -3.42 18.30
CA ALA A 220 7.03 -2.54 17.72
C ALA A 220 7.85 -1.80 18.76
N LYS A 221 7.32 -1.71 19.95
CA LYS A 221 7.78 -0.88 21.03
C LYS A 221 9.29 -1.06 21.29
N ASN A 222 9.80 -2.26 21.11
CA ASN A 222 11.22 -2.58 21.34
C ASN A 222 12.07 -2.87 20.11
N LEU A 223 11.56 -2.57 18.93
CA LEU A 223 12.34 -2.85 17.73
C LEU A 223 13.37 -1.74 17.48
N LYS A 224 14.54 -2.12 17.03
CA LYS A 224 15.60 -1.19 16.74
C LYS A 224 16.07 -1.39 15.32
N ARG A 225 16.33 -0.32 14.61
CA ARG A 225 16.75 -0.39 13.22
C ARG A 225 18.01 -1.19 12.97
N GLU A 226 18.90 -1.24 13.95
CA GLU A 226 20.13 -2.01 13.75
C GLU A 226 19.87 -3.51 13.75
N ASP A 227 18.67 -3.91 14.16
CA ASP A 227 18.30 -5.33 14.18
C ASP A 227 17.81 -5.81 12.82
N PHE A 228 17.63 -4.86 11.90
CA PHE A 228 17.14 -5.20 10.57
C PHE A 228 18.17 -4.94 9.48
N ARG A 229 17.98 -5.60 8.34
CA ARG A 229 18.87 -5.46 7.19
C ARG A 229 18.08 -5.50 5.89
N LEU A 230 18.55 -4.74 4.92
CA LEU A 230 17.91 -4.70 3.61
C LEU A 230 18.61 -5.70 2.72
N LEU A 231 17.86 -6.36 1.84
CA LEU A 231 18.45 -7.31 0.91
C LEU A 231 18.59 -6.61 -0.44
N CYS A 232 19.82 -6.38 -0.90
CA CYS A 232 20.01 -5.72 -2.19
C CYS A 232 20.09 -6.78 -3.28
N LEU A 233 19.79 -6.36 -4.51
CA LEU A 233 19.81 -7.26 -5.65
C LEU A 233 21.18 -7.82 -6.03
N ASP A 234 22.25 -7.28 -5.50
CA ASP A 234 23.55 -7.77 -5.83
C ASP A 234 24.05 -8.92 -4.95
N GLY A 235 23.20 -9.43 -4.05
CA GLY A 235 23.57 -10.50 -3.14
C GLY A 235 24.17 -9.98 -1.85
N THR A 236 24.04 -8.67 -1.66
CA THR A 236 24.59 -7.96 -0.51
C THR A 236 23.52 -7.44 0.47
N ARG A 237 23.93 -7.24 1.73
CA ARG A 237 23.04 -6.83 2.82
C ARG A 237 23.51 -5.48 3.33
N LYS A 238 22.57 -4.60 3.67
CA LYS A 238 22.94 -3.29 4.15
C LYS A 238 22.02 -2.76 5.24
N PRO A 239 22.50 -1.79 6.03
CA PRO A 239 21.69 -1.21 7.09
C PRO A 239 20.48 -0.53 6.44
N VAL A 240 19.40 -0.36 7.18
CA VAL A 240 18.21 0.26 6.60
C VAL A 240 18.47 1.71 6.23
N THR A 241 19.63 2.25 6.62
CA THR A 241 19.97 3.63 6.28
C THR A 241 20.39 3.72 4.81
N GLU A 242 20.66 2.57 4.19
CA GLU A 242 21.10 2.53 2.79
C GLU A 242 20.03 2.27 1.74
N ALA A 243 18.77 2.53 2.05
CA ALA A 243 17.70 2.27 1.08
C ALA A 243 17.89 2.89 -0.33
N GLN A 244 18.39 4.12 -0.41
CA GLN A 244 18.57 4.75 -1.73
C GLN A 244 19.50 3.97 -2.65
N SER A 245 20.28 3.06 -2.08
CA SER A 245 21.21 2.25 -2.89
C SER A 245 20.98 0.76 -2.75
N CYS A 246 19.94 0.40 -2.01
CA CYS A 246 19.62 -1.02 -1.80
C CYS A 246 18.10 -1.20 -1.72
N HIS A 247 17.45 -1.13 -2.88
CA HIS A 247 16.00 -1.31 -2.98
C HIS A 247 15.69 -2.14 -4.21
N LEU A 248 14.47 -2.64 -4.31
CA LEU A 248 14.08 -3.47 -5.45
C LEU A 248 13.56 -2.62 -6.61
N ALA A 249 12.97 -1.47 -6.29
CA ALA A 249 12.44 -0.57 -7.31
C ALA A 249 11.91 0.72 -6.68
N VAL A 250 11.47 1.65 -7.52
CA VAL A 250 10.82 2.86 -7.04
C VAL A 250 9.38 2.62 -7.43
N ALA A 251 8.48 2.85 -6.49
CA ALA A 251 7.07 2.60 -6.76
C ALA A 251 6.28 3.88 -6.89
N PRO A 252 5.32 3.93 -7.82
CA PRO A 252 4.56 5.17 -7.91
C PRO A 252 3.64 5.26 -6.67
N ASN A 253 3.45 6.48 -6.17
CA ASN A 253 2.63 6.70 -4.99
C ASN A 253 1.22 6.19 -5.07
N HIS A 254 0.63 5.94 -3.90
CA HIS A 254 -0.75 5.51 -3.83
C HIS A 254 -1.50 6.74 -4.32
N ALA A 255 -2.59 6.52 -5.02
CA ALA A 255 -3.36 7.61 -5.55
C ALA A 255 -4.85 7.37 -5.48
N VAL A 256 -5.60 8.47 -5.42
CA VAL A 256 -7.05 8.42 -5.40
C VAL A 256 -7.55 8.21 -6.84
N VAL A 257 -8.49 7.29 -7.03
CA VAL A 257 -9.04 7.07 -8.37
C VAL A 257 -10.55 7.25 -8.27
N SER A 258 -11.17 7.50 -9.41
CA SER A 258 -12.60 7.65 -9.46
C SER A 258 -12.96 7.41 -10.91
N ARG A 259 -14.21 7.20 -11.20
CA ARG A 259 -14.65 7.06 -12.54
C ARG A 259 -14.38 8.37 -13.28
N SER A 260 -14.01 8.29 -14.54
CA SER A 260 -13.68 9.49 -15.29
C SER A 260 -14.75 10.57 -15.28
N ASP A 261 -16.01 10.21 -15.48
CA ASP A 261 -17.07 11.22 -15.48
C ASP A 261 -17.30 11.89 -14.13
N ARG A 262 -16.64 11.39 -13.08
CA ARG A 262 -16.77 11.94 -11.72
C ARG A 262 -15.49 12.59 -11.16
N ALA A 263 -14.39 12.42 -11.91
CA ALA A 263 -13.07 12.94 -11.51
C ALA A 263 -12.96 14.39 -11.06
N ALA A 264 -13.54 15.30 -11.82
CA ALA A 264 -13.48 16.72 -11.49
C ALA A 264 -14.19 17.07 -10.21
N HIS A 265 -15.33 16.43 -9.97
CA HIS A 265 -16.10 16.71 -8.78
C HIS A 265 -15.44 16.11 -7.54
N VAL A 266 -14.90 14.91 -7.70
CA VAL A 266 -14.21 14.24 -6.61
C VAL A 266 -13.00 15.10 -6.22
N GLU A 267 -12.27 15.53 -7.23
CA GLU A 267 -11.08 16.37 -7.05
C GLU A 267 -11.35 17.65 -6.27
N GLN A 268 -12.43 18.34 -6.62
CA GLN A 268 -12.78 19.59 -5.93
C GLN A 268 -13.10 19.36 -4.46
N VAL A 269 -13.92 18.37 -4.18
CA VAL A 269 -14.29 18.08 -2.81
C VAL A 269 -13.08 17.69 -1.97
N LEU A 270 -12.20 16.85 -2.51
CA LEU A 270 -11.03 16.41 -1.77
C LEU A 270 -10.04 17.51 -1.45
N LEU A 271 -9.88 18.49 -2.35
CA LEU A 271 -8.95 19.59 -2.07
C LEU A 271 -9.50 20.44 -0.93
N HIS A 272 -10.83 20.54 -0.85
CA HIS A 272 -11.45 21.30 0.22
C HIS A 272 -11.44 20.48 1.49
N GLN A 273 -11.44 19.16 1.37
CA GLN A 273 -11.42 18.33 2.56
C GLN A 273 -10.05 18.34 3.23
N GLN A 274 -8.97 18.31 2.45
CA GLN A 274 -7.65 18.31 3.07
C GLN A 274 -7.32 19.67 3.69
N ALA A 275 -8.00 20.71 3.25
CA ALA A 275 -7.78 22.04 3.80
C ALA A 275 -8.38 22.07 5.20
N LEU A 276 -9.36 21.20 5.42
CA LEU A 276 -10.03 21.13 6.71
C LEU A 276 -9.41 20.09 7.65
N PHE A 277 -9.02 18.96 7.09
CA PHE A 277 -8.50 17.87 7.90
C PHE A 277 -7.09 17.40 7.57
N GLY A 278 -6.37 18.12 6.72
CA GLY A 278 -5.00 17.72 6.39
C GLY A 278 -3.99 18.06 7.48
N LYS A 279 -2.70 18.03 7.16
CA LYS A 279 -1.62 18.31 8.12
C LYS A 279 -1.75 19.55 9.02
N ASN A 280 -1.98 20.70 8.39
CA ASN A 280 -2.18 21.91 9.15
C ASN A 280 -3.46 22.46 8.58
N GLY A 281 -4.53 21.71 8.81
CA GLY A 281 -5.83 22.14 8.35
C GLY A 281 -6.60 22.70 9.51
N LYS A 282 -7.61 23.51 9.20
CA LYS A 282 -8.47 24.16 10.19
C LYS A 282 -8.93 23.37 11.38
N ASN A 283 -9.16 22.09 11.15
CA ASN A 283 -9.49 21.24 12.23
C ASN A 283 -8.53 20.06 12.52
N CYS A 284 -7.29 20.03 12.10
CA CYS A 284 -6.37 18.99 12.56
C CYS A 284 -5.34 19.67 13.39
N PRO A 285 -5.08 19.28 14.63
CA PRO A 285 -5.51 18.02 15.22
C PRO A 285 -6.60 18.15 16.23
N ASP A 286 -7.30 19.27 16.24
CA ASP A 286 -8.29 19.56 17.24
C ASP A 286 -9.51 18.71 17.09
N LYS A 287 -9.95 18.50 15.87
CA LYS A 287 -11.13 17.67 15.72
C LYS A 287 -10.99 16.35 14.99
N PHE A 288 -10.47 16.36 13.80
CA PHE A 288 -10.25 15.14 13.05
C PHE A 288 -9.09 15.27 12.08
N CYS A 289 -8.23 14.27 12.06
CA CYS A 289 -7.10 14.30 11.13
C CYS A 289 -7.15 13.14 10.15
N LEU A 290 -7.41 13.50 8.91
CA LEU A 290 -7.53 12.60 7.78
C LEU A 290 -6.36 11.64 7.56
N PHE A 291 -5.13 12.13 7.75
CA PHE A 291 -3.96 11.31 7.50
C PHE A 291 -3.32 10.65 8.72
N LYS A 292 -4.09 10.48 9.78
CA LYS A 292 -3.58 9.82 10.98
C LYS A 292 -4.51 8.76 11.57
N SER A 293 -3.95 7.58 11.83
CA SER A 293 -4.74 6.43 12.26
C SER A 293 -3.91 5.44 13.07
N GLU A 294 -3.04 5.95 13.92
CA GLU A 294 -2.19 5.14 14.79
C GLU A 294 -1.36 4.07 14.07
N THR A 295 -0.66 4.44 13.02
CA THR A 295 0.23 3.51 12.33
C THR A 295 -0.49 2.39 11.60
N LYS A 296 -1.78 2.55 11.33
CA LYS A 296 -2.53 1.56 10.58
C LYS A 296 -2.79 1.89 9.13
N ASN A 297 -2.46 3.11 8.73
CA ASN A 297 -2.64 3.53 7.35
C ASN A 297 -4.06 3.25 6.86
N LEU A 298 -5.06 3.78 7.56
CA LEU A 298 -6.45 3.58 7.17
C LEU A 298 -6.88 4.68 6.19
N LEU A 299 -7.45 4.27 5.05
CA LEU A 299 -7.92 5.17 3.99
C LEU A 299 -6.66 5.73 3.26
N PHE A 300 -5.78 6.35 4.04
CA PHE A 300 -4.57 6.99 3.49
C PHE A 300 -3.35 6.51 4.32
N ASN A 301 -2.14 6.60 3.77
CA ASN A 301 -0.95 6.24 4.55
C ASN A 301 -0.78 7.33 5.61
N ASP A 302 -0.29 6.96 6.79
CA ASP A 302 -0.08 7.93 7.87
C ASP A 302 1.02 8.96 7.65
N ASN A 303 1.94 8.68 6.73
CA ASN A 303 3.03 9.63 6.49
C ASN A 303 2.70 10.61 5.35
N THR A 304 1.41 10.74 5.04
CA THR A 304 0.99 11.61 3.97
C THR A 304 0.92 13.09 4.37
N GLU A 305 1.69 13.92 3.69
CA GLU A 305 1.69 15.34 3.99
C GLU A 305 0.43 15.93 3.37
N CYS A 306 0.16 15.58 2.11
CA CYS A 306 -1.00 16.11 1.42
C CYS A 306 -1.31 15.28 0.18
N LEU A 307 -2.47 15.56 -0.42
CA LEU A 307 -2.89 14.92 -1.64
C LEU A 307 -2.49 15.96 -2.69
N ALA A 308 -1.70 15.55 -3.68
CA ALA A 308 -1.22 16.47 -4.70
C ALA A 308 -1.88 16.34 -6.07
N LYS A 309 -1.86 17.43 -6.83
CA LYS A 309 -2.44 17.42 -8.18
C LYS A 309 -1.46 16.65 -9.04
N LEU A 310 -1.90 16.20 -10.18
CA LEU A 310 -1.04 15.42 -11.00
C LEU A 310 -0.27 16.21 -12.05
N GLY A 311 -0.90 16.99 -12.87
CA GLY A 311 -0.17 17.72 -13.89
C GLY A 311 0.20 16.78 -15.00
N GLY A 312 -0.24 17.09 -16.20
CA GLY A 312 0.01 16.22 -17.34
C GLY A 312 -1.26 15.46 -17.54
N ARG A 313 -2.22 15.66 -16.64
CA ARG A 313 -3.51 14.99 -16.71
C ARG A 313 -3.26 13.57 -17.20
N PRO A 314 -2.42 12.83 -16.48
CA PRO A 314 -2.05 11.46 -16.84
C PRO A 314 -3.12 10.37 -16.82
N THR A 315 -3.02 9.48 -17.81
CA THR A 315 -3.90 8.34 -17.86
C THR A 315 -3.25 7.43 -16.81
N TYR A 316 -3.84 6.29 -16.53
CA TYR A 316 -3.28 5.40 -15.53
C TYR A 316 -1.95 4.78 -15.99
N GLU A 317 -1.80 4.58 -17.29
CA GLU A 317 -0.55 3.99 -17.80
C GLU A 317 0.60 4.98 -17.69
N GLU A 318 0.33 6.26 -17.95
CA GLU A 318 1.36 7.28 -17.83
C GLU A 318 1.70 7.51 -16.36
N TYR A 319 0.68 7.41 -15.51
CA TYR A 319 0.87 7.62 -14.09
C TYR A 319 1.71 6.51 -13.48
N LEU A 320 1.43 5.26 -13.86
CA LEU A 320 2.20 4.15 -13.31
C LEU A 320 3.57 4.08 -13.98
N GLY A 321 3.67 4.64 -15.19
CA GLY A 321 4.93 4.59 -15.92
C GLY A 321 5.03 3.30 -16.73
N THR A 322 5.48 3.42 -17.97
CA THR A 322 5.60 2.25 -18.86
C THR A 322 6.50 1.14 -18.33
N GLU A 323 7.44 1.47 -17.44
CA GLU A 323 8.34 0.44 -16.90
C GLU A 323 7.54 -0.49 -16.00
N TYR A 324 6.80 0.10 -15.08
CA TYR A 324 6.01 -0.68 -14.13
C TYR A 324 4.80 -1.36 -14.74
N VAL A 325 4.27 -0.82 -15.82
CA VAL A 325 3.10 -1.42 -16.46
C VAL A 325 3.44 -2.68 -17.25
N THR A 326 4.65 -2.75 -17.79
CA THR A 326 5.01 -3.96 -18.52
C THR A 326 5.39 -5.03 -17.51
N ALA A 327 5.93 -4.63 -16.37
CA ALA A 327 6.29 -5.59 -15.34
C ALA A 327 5.05 -6.38 -14.90
N ILE A 328 3.95 -5.66 -14.67
CA ILE A 328 2.70 -6.28 -14.22
C ILE A 328 2.04 -7.16 -15.27
N ALA A 329 2.17 -6.78 -16.54
CA ALA A 329 1.58 -7.57 -17.61
C ALA A 329 2.29 -8.92 -17.72
N ASN A 330 3.62 -8.87 -17.68
CA ASN A 330 4.41 -10.08 -17.78
C ASN A 330 4.16 -11.03 -16.61
N LEU A 331 4.05 -10.48 -15.39
CA LEU A 331 3.79 -11.30 -14.21
C LEU A 331 2.39 -11.90 -14.28
N LYS A 332 1.41 -11.10 -14.70
CA LYS A 332 0.06 -11.63 -14.78
C LYS A 332 -0.10 -12.69 -15.85
N LYS A 333 0.93 -12.87 -16.69
CA LYS A 333 0.90 -13.90 -17.73
C LYS A 333 0.96 -15.25 -17.02
N CYS A 334 1.52 -15.21 -15.83
CA CYS A 334 1.69 -16.38 -14.98
C CYS A 334 0.41 -16.84 -14.28
N SER A 335 -0.69 -16.13 -14.48
CA SER A 335 -1.96 -16.51 -13.85
C SER A 335 -3.14 -16.47 -14.81
N LEU A 340 -3.53 -9.42 -23.37
CA LEU A 340 -2.89 -8.17 -22.99
C LEU A 340 -3.85 -7.10 -22.45
N GLU A 341 -5.14 -7.13 -22.85
CA GLU A 341 -6.12 -6.13 -22.41
C GLU A 341 -7.51 -6.65 -22.09
N ALA A 342 -8.19 -5.93 -21.19
CA ALA A 342 -9.57 -6.22 -20.76
C ALA A 342 -9.82 -6.12 -19.25
N CYS A 343 -10.93 -5.50 -18.88
CA CYS A 343 -11.31 -5.34 -17.47
C CYS A 343 -11.81 -6.65 -16.87
N ALA A 344 -11.43 -6.88 -15.63
CA ALA A 344 -11.77 -8.11 -14.90
C ALA A 344 -13.20 -8.31 -14.43
N PHE A 345 -13.93 -7.22 -14.18
CA PHE A 345 -15.30 -7.33 -13.69
C PHE A 345 -16.30 -6.92 -14.77
#